data_7VQF
#
_entry.id   7VQF
#
_cell.length_a   62.200
_cell.length_b   118.300
_cell.length_c   56.700
_cell.angle_alpha   90.000
_cell.angle_beta   90.000
_cell.angle_gamma   90.000
#
_symmetry.space_group_name_H-M   'C 2 2 21'
#
loop_
_entity.id
_entity.type
_entity.pdbx_description
1 polymer 'Phenol sensing regulator, MopR'
2 non-polymer PHENOL
3 non-polymer 'ACETATE ION'
4 non-polymer 'ZINC ION'
5 water water
#
_entity_poly.entity_id   1
_entity_poly.type   'polypeptide(L)'
_entity_poly.pdbx_seq_one_letter_code
;MSPAKDVKVYKKILDQNKDIQDLLDKIVFDAQHGQIWFDENRMLLMHTSILGFLRKDLYQMLGLERTKRFFIRCGYQAGM
RDAEVTSKLRPNLNEAEAFMAGPQMHGIRGMVQVEVNELHLSHDLKQFYADFNWLNSFEAEVHLSEFPASDQPACWMLLG
YACGYSSFVMGQTIIYQETHCVAQGDEHCRIIGKPLSEWENADELIRFMSPDAVSDEIIALQAELNQLK
;
_entity_poly.pdbx_strand_id   A
#
loop_
_chem_comp.id
_chem_comp.type
_chem_comp.name
_chem_comp.formula
ACT non-polymer 'ACETATE ION' 'C2 H3 O2 -1'
IPH non-polymer PHENOL 'C6 H6 O'
ZN non-polymer 'ZINC ION' 'Zn 2'
#
# COMPACT_ATOMS: atom_id res chain seq x y z
N ASP A 15 -11.27 -10.85 -19.54
CA ASP A 15 -11.31 -9.96 -20.70
C ASP A 15 -10.97 -8.53 -20.32
N GLN A 16 -11.41 -8.12 -19.12
CA GLN A 16 -11.26 -6.74 -18.66
C GLN A 16 -9.90 -6.47 -18.03
N ASN A 17 -9.06 -7.48 -17.86
CA ASN A 17 -7.81 -7.36 -17.11
C ASN A 17 -6.61 -7.18 -18.03
N LYS A 18 -6.76 -6.43 -19.12
CA LYS A 18 -5.66 -6.24 -20.06
C LYS A 18 -4.50 -5.50 -19.43
N ASP A 19 -4.78 -4.62 -18.47
CA ASP A 19 -3.73 -3.81 -17.85
C ASP A 19 -2.91 -4.57 -16.81
N ILE A 20 -3.44 -5.67 -16.28
CA ILE A 20 -2.80 -6.36 -15.16
C ILE A 20 -2.62 -7.84 -15.48
N GLN A 21 -2.68 -8.20 -16.76
CA GLN A 21 -2.59 -9.62 -17.12
C GLN A 21 -1.21 -10.19 -16.81
N ASP A 22 -0.15 -9.38 -16.92
CA ASP A 22 1.18 -9.86 -16.57
C ASP A 22 1.29 -10.16 -15.08
N LEU A 23 0.59 -9.39 -14.24
CA LEU A 23 0.62 -9.64 -12.80
C LEU A 23 -0.26 -10.83 -12.43
N LEU A 24 -1.43 -10.97 -13.06
CA LEU A 24 -2.32 -12.07 -12.75
C LEU A 24 -1.71 -13.42 -13.11
N ASP A 25 -0.90 -13.46 -14.17
CA ASP A 25 -0.28 -14.71 -14.61
C ASP A 25 0.69 -15.28 -13.58
N LYS A 26 1.25 -14.44 -12.71
CA LYS A 26 2.21 -14.89 -11.71
C LYS A 26 1.57 -15.33 -10.41
N ILE A 27 0.23 -15.35 -10.34
CA ILE A 27 -0.48 -15.82 -9.16
C ILE A 27 -0.99 -17.23 -9.44
N VAL A 28 -0.58 -18.18 -8.60
CA VAL A 28 -0.90 -19.59 -8.78
C VAL A 28 -1.66 -20.08 -7.55
N PHE A 29 -2.87 -20.58 -7.77
CA PHE A 29 -3.66 -21.19 -6.71
C PHE A 29 -3.49 -22.70 -6.77
N ASP A 30 -3.14 -23.30 -5.63
CA ASP A 30 -2.95 -24.75 -5.50
C ASP A 30 -3.75 -25.22 -4.29
N ALA A 31 -5.08 -25.23 -4.43
CA ALA A 31 -5.95 -25.53 -3.31
C ALA A 31 -5.75 -26.96 -2.80
N GLN A 32 -5.53 -27.90 -3.72
CA GLN A 32 -5.39 -29.30 -3.32
C GLN A 32 -4.17 -29.52 -2.44
N HIS A 33 -3.15 -28.66 -2.56
CA HIS A 33 -1.96 -28.75 -1.72
C HIS A 33 -1.86 -27.60 -0.73
N GLY A 34 -2.92 -26.81 -0.58
CA GLY A 34 -2.96 -25.75 0.41
C GLY A 34 -1.92 -24.67 0.25
N GLN A 35 -1.70 -24.21 -0.99
CA GLN A 35 -0.70 -23.19 -1.26
C GLN A 35 -1.22 -22.21 -2.29
N ILE A 36 -0.88 -20.93 -2.09
CA ILE A 36 -1.09 -19.88 -3.07
C ILE A 36 0.25 -19.19 -3.29
N TRP A 37 0.62 -18.99 -4.55
CA TRP A 37 1.92 -18.44 -4.89
C TRP A 37 1.77 -17.17 -5.72
N PHE A 38 2.52 -16.14 -5.36
CA PHE A 38 2.72 -14.95 -6.19
C PHE A 38 4.20 -14.95 -6.56
N ASP A 39 4.53 -15.50 -7.72
CA ASP A 39 5.91 -15.75 -8.13
C ASP A 39 6.56 -16.62 -7.05
N GLU A 40 7.65 -16.19 -6.43
CA GLU A 40 8.36 -16.97 -5.42
C GLU A 40 7.84 -16.73 -4.01
N ASN A 41 6.82 -15.89 -3.86
CA ASN A 41 6.24 -15.58 -2.56
C ASN A 41 5.00 -16.43 -2.33
N ARG A 42 4.87 -16.96 -1.12
CA ARG A 42 3.69 -17.72 -0.74
C ARG A 42 2.65 -16.77 -0.17
N MET A 43 1.39 -16.97 -0.55
CA MET A 43 0.32 -16.05 -0.18
C MET A 43 -0.78 -16.78 0.59
N LEU A 44 -1.51 -16.00 1.40
CA LEU A 44 -2.64 -16.48 2.16
C LEU A 44 -3.86 -15.68 1.77
N LEU A 45 -5.03 -16.29 1.88
CA LEU A 45 -6.31 -15.60 1.68
C LEU A 45 -6.99 -15.51 3.05
N MET A 46 -6.94 -14.33 3.66
CA MET A 46 -7.41 -14.15 5.02
C MET A 46 -8.56 -13.15 5.08
N HIS A 47 -9.35 -13.26 6.14
CA HIS A 47 -10.49 -12.37 6.34
C HIS A 47 -10.03 -11.00 6.80
N THR A 48 -10.61 -9.95 6.21
CA THR A 48 -10.33 -8.60 6.68
C THR A 48 -10.75 -8.42 8.13
N SER A 49 -11.87 -9.05 8.52
CA SER A 49 -12.36 -8.91 9.89
C SER A 49 -11.33 -9.40 10.90
N ILE A 50 -10.47 -10.35 10.53
CA ILE A 50 -9.45 -10.83 11.45
C ILE A 50 -8.37 -9.79 11.68
N LEU A 51 -8.11 -8.91 10.70
CA LEU A 51 -7.11 -7.87 10.89
C LEU A 51 -7.56 -6.75 11.82
N GLY A 52 -8.85 -6.67 12.14
CA GLY A 52 -9.28 -5.76 13.18
C GLY A 52 -8.78 -6.19 14.55
N PHE A 53 -8.71 -7.51 14.78
CA PHE A 53 -8.30 -8.00 16.09
C PHE A 53 -6.88 -7.60 16.40
N LEU A 54 -5.98 -7.72 15.42
CA LEU A 54 -4.60 -7.30 15.62
C LEU A 54 -4.54 -5.80 15.91
N ARG A 55 -5.26 -4.99 15.12
CA ARG A 55 -5.32 -3.55 15.37
C ARG A 55 -5.89 -3.29 16.75
N LYS A 56 -6.80 -4.16 17.18
CA LYS A 56 -7.50 -3.97 18.43
C LYS A 56 -6.57 -4.15 19.62
N ASP A 57 -6.06 -5.37 19.78
CA ASP A 57 -5.22 -5.70 20.92
C ASP A 57 -3.96 -4.85 20.93
N LEU A 58 -3.39 -4.57 19.75
CA LEU A 58 -2.18 -3.77 19.71
C LEU A 58 -2.45 -2.35 20.21
N TYR A 59 -3.59 -1.76 19.84
CA TYR A 59 -3.90 -0.42 20.31
C TYR A 59 -3.99 -0.39 21.83
N GLN A 60 -4.74 -1.34 22.41
CA GLN A 60 -4.91 -1.36 23.86
C GLN A 60 -3.59 -1.64 24.58
N MET A 61 -2.69 -2.40 23.96
CA MET A 61 -1.42 -2.74 24.60
C MET A 61 -0.33 -1.70 24.34
N LEU A 62 -0.25 -1.18 23.13
CA LEU A 62 0.88 -0.35 22.71
C LEU A 62 0.57 1.13 22.60
N GLY A 63 -0.70 1.51 22.55
CA GLY A 63 -1.04 2.88 22.23
C GLY A 63 -1.27 3.06 20.75
N LEU A 64 -1.39 4.32 20.34
CA LEU A 64 -1.72 4.60 18.94
C LEU A 64 -0.47 4.64 18.07
N GLU A 65 0.49 5.50 18.41
CA GLU A 65 1.67 5.68 17.56
C GLU A 65 2.50 4.41 17.48
N ARG A 66 2.49 3.59 18.53
CA ARG A 66 3.23 2.34 18.49
C ARG A 66 2.50 1.29 17.64
N THR A 67 1.17 1.30 17.70
CA THR A 67 0.40 0.41 16.82
C THR A 67 0.50 0.85 15.38
N LYS A 68 0.44 2.16 15.13
CA LYS A 68 0.56 2.67 13.77
C LYS A 68 1.93 2.36 13.19
N ARG A 69 3.00 2.53 13.99
CA ARG A 69 4.34 2.23 13.52
C ARG A 69 4.49 0.76 13.14
N PHE A 70 3.80 -0.13 13.85
CA PHE A 70 3.86 -1.55 13.51
C PHE A 70 3.22 -1.82 12.16
N PHE A 71 2.00 -1.32 11.94
CA PHE A 71 1.29 -1.61 10.70
C PHE A 71 1.96 -0.95 9.51
N ILE A 72 2.63 0.18 9.71
CA ILE A 72 3.37 0.81 8.63
C ILE A 72 4.57 -0.05 8.24
N ARG A 73 5.28 -0.60 9.23
CA ARG A 73 6.43 -1.46 8.94
C ARG A 73 6.00 -2.71 8.21
N CYS A 74 4.85 -3.29 8.58
CA CYS A 74 4.33 -4.46 7.87
C CYS A 74 4.07 -4.14 6.41
N GLY A 75 3.36 -3.04 6.15
CA GLY A 75 3.08 -2.66 4.78
C GLY A 75 4.34 -2.37 3.98
N TYR A 76 5.32 -1.73 4.64
CA TYR A 76 6.57 -1.40 3.96
C TYR A 76 7.28 -2.65 3.44
N GLN A 77 7.26 -3.72 4.22
CA GLN A 77 7.93 -4.96 3.78
C GLN A 77 7.16 -5.63 2.65
N ALA A 78 5.82 -5.58 2.70
CA ALA A 78 5.02 -6.16 1.63
C ALA A 78 5.22 -5.41 0.33
N GLY A 79 5.38 -4.08 0.40
CA GLY A 79 5.63 -3.31 -0.81
C GLY A 79 6.96 -3.65 -1.44
N MET A 80 8.00 -3.86 -0.63
CA MET A 80 9.27 -4.33 -1.16
C MET A 80 9.13 -5.71 -1.77
N ARG A 81 8.42 -6.61 -1.07
CA ARG A 81 8.18 -7.95 -1.61
C ARG A 81 7.53 -7.88 -2.98
N ASP A 82 6.46 -7.09 -3.11
CA ASP A 82 5.79 -6.94 -4.40
C ASP A 82 6.70 -6.26 -5.41
N ALA A 83 7.43 -5.22 -4.99
CA ALA A 83 8.30 -4.50 -5.91
C ALA A 83 9.40 -5.40 -6.47
N GLU A 84 9.88 -6.36 -5.67
CA GLU A 84 10.90 -7.27 -6.16
C GLU A 84 10.38 -8.09 -7.34
N VAL A 85 9.11 -8.46 -7.32
CA VAL A 85 8.53 -9.23 -8.41
C VAL A 85 8.17 -8.33 -9.58
N THR A 86 7.50 -7.21 -9.30
CA THR A 86 7.01 -6.35 -10.38
C THR A 86 8.14 -5.63 -11.10
N SER A 87 9.26 -5.39 -10.43
CA SER A 87 10.37 -4.71 -11.07
C SER A 87 11.00 -5.57 -12.17
N LYS A 88 10.76 -6.87 -12.17
CA LYS A 88 11.19 -7.71 -13.29
C LYS A 88 10.21 -7.63 -14.45
N LEU A 89 8.90 -7.62 -14.16
CA LEU A 89 7.90 -7.60 -15.22
C LEU A 89 7.90 -6.28 -15.97
N ARG A 90 8.19 -5.17 -15.28
CA ARG A 90 8.24 -3.85 -15.90
C ARG A 90 9.49 -3.15 -15.41
N PRO A 91 10.62 -3.33 -16.08
CA PRO A 91 11.89 -2.80 -15.57
C PRO A 91 12.15 -1.36 -15.99
N ASN A 92 11.43 -0.89 -17.01
CA ASN A 92 11.64 0.46 -17.53
C ASN A 92 11.44 1.54 -16.47
N ASN A 94 11.36 4.57 -15.59
CA ASN A 94 10.99 5.97 -15.79
C ASN A 94 9.62 6.11 -16.40
N GLU A 95 8.86 5.01 -16.44
CA GLU A 95 7.54 4.98 -17.05
C GLU A 95 6.47 4.88 -15.97
N ALA A 96 5.43 5.72 -16.10
CA ALA A 96 4.33 5.68 -15.14
C ALA A 96 3.59 4.37 -15.22
N GLU A 97 3.35 3.87 -16.43
CA GLU A 97 2.65 2.60 -16.60
C GLU A 97 3.43 1.45 -15.96
N ALA A 98 4.74 1.57 -15.88
CA ALA A 98 5.54 0.58 -15.17
C ALA A 98 5.40 0.74 -13.66
N PHE A 99 5.34 1.98 -13.18
CA PHE A 99 5.22 2.20 -11.74
C PHE A 99 3.89 1.70 -11.20
N MET A 100 2.83 1.78 -12.01
CA MET A 100 1.49 1.42 -11.54
C MET A 100 1.34 -0.06 -11.22
N ALA A 101 2.38 -0.88 -11.38
CA ALA A 101 2.30 -2.27 -10.97
C ALA A 101 2.00 -2.39 -9.48
N GLY A 102 2.55 -1.48 -8.67
CA GLY A 102 2.30 -1.44 -7.25
C GLY A 102 0.85 -1.14 -6.93
N PRO A 103 0.35 0.02 -7.35
CA PRO A 103 -1.07 0.32 -7.18
C PRO A 103 -1.99 -0.78 -7.73
N GLN A 104 -1.58 -1.45 -8.81
CA GLN A 104 -2.39 -2.53 -9.35
C GLN A 104 -2.32 -3.77 -8.48
N MET A 105 -1.15 -4.07 -7.90
CA MET A 105 -1.05 -5.19 -6.98
C MET A 105 -1.89 -4.94 -5.73
N HIS A 106 -1.92 -3.69 -5.25
CA HIS A 106 -2.81 -3.37 -4.14
C HIS A 106 -4.25 -3.73 -4.45
N GLY A 107 -4.69 -3.47 -5.68
CA GLY A 107 -6.04 -3.83 -6.06
C GLY A 107 -6.24 -5.32 -6.24
N ILE A 108 -5.26 -5.99 -6.85
CA ILE A 108 -5.38 -7.43 -7.10
C ILE A 108 -5.50 -8.19 -5.80
N ARG A 109 -4.71 -7.84 -4.80
CA ARG A 109 -4.73 -8.51 -3.50
C ARG A 109 -5.90 -8.07 -2.63
N GLY A 110 -6.83 -7.30 -3.17
CA GLY A 110 -8.06 -6.97 -2.45
C GLY A 110 -7.89 -6.00 -1.30
N MET A 111 -6.93 -5.09 -1.39
CA MET A 111 -6.66 -4.17 -0.29
C MET A 111 -7.16 -2.76 -0.54
N VAL A 112 -6.96 -2.22 -1.74
CA VAL A 112 -7.44 -0.87 -2.04
C VAL A 112 -7.43 -0.64 -3.55
N GLN A 113 -8.34 0.20 -4.02
CA GLN A 113 -8.36 0.62 -5.42
C GLN A 113 -7.69 1.99 -5.52
N VAL A 114 -6.67 2.08 -6.36
CA VAL A 114 -5.94 3.34 -6.55
C VAL A 114 -6.53 4.06 -7.76
N GLU A 115 -6.82 5.34 -7.59
CA GLU A 115 -7.30 6.20 -8.66
C GLU A 115 -6.34 7.38 -8.77
N VAL A 116 -5.82 7.59 -9.97
CA VAL A 116 -4.77 8.59 -10.17
C VAL A 116 -5.39 9.97 -10.37
N ASN A 117 -4.97 10.92 -9.54
CA ASN A 117 -5.23 12.33 -9.81
C ASN A 117 -4.08 12.97 -10.57
N GLU A 118 -2.85 12.65 -10.18
CA GLU A 118 -1.65 13.16 -10.83
C GLU A 118 -0.48 12.26 -10.46
N LEU A 119 0.34 11.94 -11.46
CA LEU A 119 1.53 11.13 -11.23
C LEU A 119 2.65 11.67 -12.11
N HIS A 120 3.67 12.25 -11.47
CA HIS A 120 4.89 12.68 -12.14
C HIS A 120 6.06 11.95 -11.49
N LEU A 121 6.89 11.31 -12.32
CA LEU A 121 7.98 10.51 -11.80
C LEU A 121 9.07 10.38 -12.86
N SER A 122 10.29 10.10 -12.38
CA SER A 122 11.43 9.84 -13.25
C SER A 122 12.56 9.24 -12.42
N HIS A 123 13.01 8.04 -12.80
CA HIS A 123 14.10 7.41 -12.08
C HIS A 123 15.43 8.13 -12.32
N ASP A 124 15.63 8.68 -13.51
CA ASP A 124 16.90 9.34 -13.82
C ASP A 124 17.03 10.66 -13.07
N LEU A 125 15.99 11.50 -13.13
CA LEU A 125 15.99 12.78 -12.43
C LEU A 125 15.77 12.63 -10.92
N LYS A 126 15.48 11.42 -10.44
CA LYS A 126 15.16 11.19 -9.04
C LYS A 126 14.02 12.08 -8.58
N GLN A 127 13.02 12.25 -9.44
CA GLN A 127 11.84 13.04 -9.15
C GLN A 127 10.63 12.12 -8.94
N PHE A 128 9.71 12.55 -8.09
CA PHE A 128 8.51 11.76 -7.82
C PHE A 128 7.45 12.66 -7.18
N TYR A 129 6.27 12.67 -7.77
CA TYR A 129 5.09 13.29 -7.16
C TYR A 129 3.88 12.42 -7.46
N ALA A 130 3.20 11.97 -6.42
CA ALA A 130 2.01 11.13 -6.54
C ALA A 130 0.85 11.75 -5.81
N ASP A 131 -0.30 11.84 -6.48
CA ASP A 131 -1.56 12.27 -5.87
C ASP A 131 -2.59 11.21 -6.23
N PHE A 132 -2.85 10.29 -5.32
CA PHE A 132 -3.72 9.16 -5.56
C PHE A 132 -4.92 9.21 -4.62
N ASN A 133 -6.09 8.86 -5.15
CA ASN A 133 -7.23 8.52 -4.31
C ASN A 133 -7.17 7.05 -3.96
N TRP A 134 -7.64 6.73 -2.75
CA TRP A 134 -7.77 5.34 -2.31
C TRP A 134 -9.26 5.05 -2.13
N LEU A 135 -9.80 4.21 -3.01
CA LEU A 135 -11.20 3.81 -2.95
C LEU A 135 -11.31 2.41 -2.37
N ASN A 136 -12.39 2.19 -1.61
CA ASN A 136 -12.71 0.88 -1.03
C ASN A 136 -11.57 0.34 -0.18
N SER A 137 -10.97 1.22 0.62
CA SER A 137 -9.86 0.83 1.49
C SER A 137 -10.32 -0.23 2.48
N PHE A 138 -9.65 -1.40 2.46
CA PHE A 138 -9.95 -2.43 3.45
C PHE A 138 -9.62 -1.95 4.85
N GLU A 139 -8.52 -1.21 5.00
CA GLU A 139 -8.05 -0.82 6.33
C GLU A 139 -8.99 0.18 6.97
N ALA A 140 -9.56 1.09 6.17
CA ALA A 140 -10.53 2.03 6.71
C ALA A 140 -11.77 1.31 7.20
N GLU A 141 -12.27 0.34 6.42
CA GLU A 141 -13.41 -0.45 6.86
C GLU A 141 -13.07 -1.26 8.11
N VAL A 142 -11.89 -1.87 8.13
CA VAL A 142 -11.47 -2.64 9.30
C VAL A 142 -11.36 -1.73 10.52
N HIS A 143 -10.78 -0.54 10.34
CA HIS A 143 -10.66 0.40 11.45
C HIS A 143 -12.03 0.81 11.98
N LEU A 144 -12.98 1.06 11.09
CA LEU A 144 -14.29 1.53 11.51
C LEU A 144 -15.10 0.43 12.16
N SER A 145 -14.83 -0.84 11.83
CA SER A 145 -15.57 -1.94 12.44
C SER A 145 -15.17 -2.18 13.89
N GLU A 146 -14.03 -1.64 14.33
CA GLU A 146 -13.59 -1.75 15.70
C GLU A 146 -13.67 -0.44 16.48
N PHE A 147 -13.51 0.69 15.80
CA PHE A 147 -13.54 2.01 16.42
C PHE A 147 -14.44 2.95 15.64
N PRO A 148 -15.03 3.96 16.30
CA PRO A 148 -15.75 5.00 15.55
C PRO A 148 -14.81 5.90 14.78
N ALA A 149 -15.34 6.84 14.00
CA ALA A 149 -14.52 7.73 13.19
C ALA A 149 -13.42 8.36 14.02
N SER A 150 -12.21 8.35 13.48
CA SER A 150 -11.02 8.74 14.23
C SER A 150 -10.64 10.20 13.96
N ASP A 151 -9.72 10.69 14.80
CA ASP A 151 -9.20 12.04 14.66
C ASP A 151 -8.14 12.14 13.56
N GLN A 152 -7.47 11.03 13.26
CA GLN A 152 -6.37 10.98 12.30
C GLN A 152 -6.62 9.86 11.29
N PRO A 153 -5.99 9.95 10.10
CA PRO A 153 -6.16 8.88 9.12
C PRO A 153 -5.65 7.55 9.65
N ALA A 154 -6.24 6.47 9.13
CA ALA A 154 -6.07 5.15 9.73
C ALA A 154 -5.44 4.11 8.83
N CYS A 155 -5.24 4.39 7.54
CA CYS A 155 -4.76 3.38 6.61
C CYS A 155 -3.22 3.28 6.68
N TRP A 156 -2.75 2.75 7.82
CA TRP A 156 -1.33 2.70 8.08
C TRP A 156 -0.62 1.62 7.28
N MET A 157 -1.22 0.43 7.20
CA MET A 157 -0.62 -0.66 6.42
C MET A 157 -0.58 -0.32 4.94
N LEU A 158 -1.65 0.29 4.42
CA LEU A 158 -1.65 0.73 3.03
C LEU A 158 -0.59 1.80 2.80
N LEU A 159 -0.41 2.70 3.77
CA LEU A 159 0.57 3.77 3.61
C LEU A 159 1.99 3.23 3.64
N GLY A 160 2.25 2.25 4.50
CA GLY A 160 3.55 1.61 4.49
C GLY A 160 3.84 0.93 3.17
N TYR A 161 2.83 0.27 2.58
CA TYR A 161 3.02 -0.39 1.30
C TYR A 161 3.34 0.63 0.22
N ALA A 162 2.66 1.78 0.22
CA ALA A 162 2.99 2.83 -0.74
C ALA A 162 4.43 3.27 -0.58
N CYS A 163 4.85 3.51 0.67
CA CYS A 163 6.23 3.95 0.90
CA CYS A 163 6.23 3.95 0.90
C CYS A 163 7.23 2.85 0.54
N GLY A 164 6.94 1.61 0.94
CA GLY A 164 7.87 0.53 0.66
C GLY A 164 8.02 0.25 -0.82
N TYR A 165 6.90 0.11 -1.54
CA TYR A 165 6.97 -0.18 -2.96
C TYR A 165 7.62 0.97 -3.73
N SER A 166 7.18 2.20 -3.47
CA SER A 166 7.69 3.35 -4.22
C SER A 166 9.18 3.54 -4.00
N SER A 167 9.63 3.39 -2.75
CA SER A 167 11.05 3.56 -2.46
C SER A 167 11.91 2.51 -3.16
N PHE A 168 11.39 1.29 -3.31
CA PHE A 168 12.15 0.25 -4.00
C PHE A 168 12.31 0.59 -5.47
N VAL A 169 11.19 0.83 -6.18
CA VAL A 169 11.24 1.00 -7.62
C VAL A 169 11.86 2.34 -8.03
N MET A 170 11.88 3.32 -7.13
CA MET A 170 12.45 4.63 -7.44
C MET A 170 13.93 4.72 -7.09
N GLY A 171 14.44 3.85 -6.23
CA GLY A 171 15.82 3.93 -5.80
C GLY A 171 16.10 5.06 -4.84
N GLN A 172 15.08 5.57 -4.15
CA GLN A 172 15.24 6.64 -3.19
C GLN A 172 14.07 6.61 -2.22
N THR A 173 14.26 7.23 -1.05
CA THR A 173 13.21 7.24 -0.03
C THR A 173 12.03 8.07 -0.51
N ILE A 174 10.88 7.43 -0.66
CA ILE A 174 9.64 8.08 -1.05
C ILE A 174 8.67 7.97 0.11
N ILE A 175 8.27 9.10 0.66
CA ILE A 175 7.39 9.16 1.84
C ILE A 175 6.00 9.59 1.39
N TYR A 176 4.98 8.92 1.93
CA TYR A 176 3.59 9.23 1.65
C TYR A 176 2.90 9.78 2.89
N GLN A 177 1.82 10.53 2.66
CA GLN A 177 0.98 11.02 3.73
C GLN A 177 -0.47 10.91 3.29
N GLU A 178 -1.32 10.33 4.16
CA GLU A 178 -2.74 10.20 3.87
C GLU A 178 -3.43 11.50 4.27
N THR A 179 -3.79 12.32 3.28
CA THR A 179 -4.43 13.61 3.57
C THR A 179 -5.89 13.43 3.97
N HIS A 180 -6.59 12.48 3.36
CA HIS A 180 -7.99 12.20 3.66
C HIS A 180 -8.15 10.70 3.89
N CYS A 181 -9.14 10.35 4.71
CA CYS A 181 -9.37 8.95 5.05
C CYS A 181 -10.84 8.73 5.38
N VAL A 182 -11.39 7.62 4.87
CA VAL A 182 -12.76 7.23 5.20
C VAL A 182 -12.94 7.12 6.71
N ALA A 183 -11.94 6.59 7.40
CA ALA A 183 -12.00 6.46 8.85
C ALA A 183 -11.98 7.80 9.57
N GLN A 184 -11.72 8.89 8.87
CA GLN A 184 -11.80 10.23 9.43
C GLN A 184 -13.13 10.91 9.17
N GLY A 185 -13.99 10.31 8.34
CA GLY A 185 -15.24 10.91 7.94
C GLY A 185 -15.25 11.42 6.52
N ASP A 186 -14.10 11.47 5.86
CA ASP A 186 -14.04 11.88 4.46
C ASP A 186 -14.67 10.81 3.58
N GLU A 187 -15.06 11.22 2.36
CA GLU A 187 -15.79 10.30 1.49
C GLU A 187 -14.92 9.13 1.05
N HIS A 188 -13.67 9.41 0.67
CA HIS A 188 -12.72 8.36 0.37
C HIS A 188 -11.35 8.80 0.88
N CYS A 189 -10.36 7.92 0.71
CA CYS A 189 -9.00 8.20 1.16
C CYS A 189 -8.19 8.80 0.02
N ARG A 190 -7.16 9.56 0.40
CA ARG A 190 -6.30 10.23 -0.57
C ARG A 190 -4.91 10.36 0.04
N ILE A 191 -3.88 10.19 -0.80
CA ILE A 191 -2.50 10.23 -0.36
C ILE A 191 -1.70 11.14 -1.28
N ILE A 192 -0.58 11.62 -0.77
CA ILE A 192 0.39 12.40 -1.52
C ILE A 192 1.78 11.81 -1.30
N GLY A 193 2.45 11.47 -2.40
CA GLY A 193 3.78 10.90 -2.29
C GLY A 193 4.87 11.79 -2.85
N LYS A 194 5.91 12.03 -2.07
CA LYS A 194 7.04 12.86 -2.46
C LYS A 194 8.31 12.25 -1.89
N PRO A 195 9.48 12.58 -2.44
CA PRO A 195 10.73 12.15 -1.82
C PRO A 195 10.91 12.79 -0.44
N LEU A 196 11.73 12.14 0.38
CA LEU A 196 11.90 12.58 1.77
C LEU A 196 12.34 14.03 1.85
N SER A 197 13.13 14.50 0.89
CA SER A 197 13.65 15.86 0.93
C SER A 197 12.57 16.92 0.74
N GLU A 198 11.44 16.56 0.14
CA GLU A 198 10.38 17.51 -0.16
C GLU A 198 9.32 17.59 0.92
N TRP A 199 9.52 16.93 2.06
CA TRP A 199 8.64 17.04 3.21
C TRP A 199 9.32 17.87 4.28
N GLU A 200 8.59 18.81 4.88
CA GLU A 200 9.18 19.67 5.89
C GLU A 200 9.41 18.92 7.20
N ASN A 201 8.57 17.95 7.50
CA ASN A 201 8.66 17.17 8.74
C ASN A 201 9.32 15.83 8.49
N ALA A 202 10.44 15.88 7.78
CA ALA A 202 11.11 14.68 7.27
C ALA A 202 11.93 13.99 8.38
N ASP A 203 11.23 13.70 9.49
CA ASP A 203 11.81 12.92 10.58
C ASP A 203 10.82 11.78 10.90
N GLU A 204 10.90 10.70 10.14
CA GLU A 204 9.92 9.62 10.25
C GLU A 204 10.47 8.47 11.09
N LEU A 205 9.82 8.21 12.22
CA LEU A 205 10.42 7.30 13.19
C LEU A 205 10.31 5.85 12.76
N ILE A 206 9.38 5.53 11.86
CA ILE A 206 9.15 4.15 11.46
C ILE A 206 10.44 3.52 10.92
C1 IPH B . -0.31 2.19 -3.43
C2 IPH B . 0.60 1.19 -3.75
C3 IPH B . 1.86 1.51 -4.25
C4 IPH B . 2.21 2.85 -4.46
C5 IPH B . 1.29 3.85 -4.15
C6 IPH B . 0.04 3.53 -3.64
O1 IPH B . -1.54 1.88 -2.93
C ACT C . 0.19 -6.60 2.59
O ACT C . 0.27 -7.82 2.28
OXT ACT C . -0.01 -5.59 1.85
CH3 ACT C . 0.39 -6.30 4.03
ZN ZN D . -7.77 5.79 4.70
#